data_2R1M
#
_entry.id   2R1M
#
_cell.length_a   109.096
_cell.length_b   109.096
_cell.length_c   61.880
_cell.angle_alpha   90.00
_cell.angle_beta   90.00
_cell.angle_gamma   120.00
#
_symmetry.space_group_name_H-M   'P 31 2 1'
#
loop_
_entity.id
_entity.type
_entity.pdbx_description
1 polymer Phosphotriesterase
2 non-polymer 'FE (II) ION'
3 non-polymer 'COBALT (II) ION'
4 non-polymer 'DIETHYL HYDROGEN PHOSPHATE'
5 non-polymer 1,2-ETHANEDIOL
6 water water
#
_entity_poly.entity_id   1
_entity_poly.type   'polypeptide(L)'
_entity_poly.pdbx_seq_one_letter_code
;GDLINTVRGPIPVSEAGFTLTHEHICGSSAGFLRAWPEFFGSRKALAEKAVRGLRHARAAGVQTIVDVSTFDIGRDVRLL
AEVSRAADVHIVAATGLWFDPPLSMRMRSVEELTQFFLREIQHGIEDTGIRAGII(KCX)VATTGKATPFQELVLKAAAR
ASLATGVPVTTHTSASQRDGEQQAAIFESEGLSPSRVCIGHSDDTDDLSYLTGLAARGYLVGLDRMPYSAIGLEGDASAL
ALFGTRSWQTRALLIKALIDRGYKDRILVSHDWLFGFSSYVTNIMDVMDRINPDGMAFVPLRVIPFLREKGVPPETLAGV
TVANPARFLSPT
;
_entity_poly.pdbx_strand_id   A
#
loop_
_chem_comp.id
_chem_comp.type
_chem_comp.name
_chem_comp.formula
CO non-polymer 'COBALT (II) ION' 'Co 2'
DPF non-polymer 'DIETHYL HYDROGEN PHOSPHATE' 'C4 H11 O4 P'
EDO non-polymer 1,2-ETHANEDIOL 'C2 H6 O2'
FE2 non-polymer 'FE (II) ION' 'Fe 2'
#
# COMPACT_ATOMS: atom_id res chain seq x y z
N GLY A 1 -11.52 1.36 22.44
CA GLY A 1 -10.23 2.07 22.23
C GLY A 1 -9.03 1.15 21.99
N ASP A 2 -9.10 0.33 20.94
CA ASP A 2 -7.90 -0.23 20.31
C ASP A 2 -7.17 0.87 19.52
N LEU A 3 -5.85 0.84 19.49
CA LEU A 3 -5.19 1.96 18.85
C LEU A 3 -4.07 1.63 17.83
N ILE A 4 -3.88 2.49 16.81
CA ILE A 4 -2.83 2.29 15.78
C ILE A 4 -1.86 3.49 15.62
N ASN A 5 -0.63 3.24 15.15
CA ASN A 5 0.38 4.30 15.16
C ASN A 5 0.32 5.01 13.87
N THR A 6 0.41 6.32 13.91
CA THR A 6 0.48 7.08 12.69
C THR A 6 1.73 7.91 12.88
N VAL A 7 2.21 8.56 11.82
CA VAL A 7 3.35 9.44 11.91
C VAL A 7 3.16 10.69 12.82
N ARG A 8 1.95 10.91 13.34
CA ARG A 8 1.79 11.99 14.30
C ARG A 8 1.57 11.39 15.67
N GLY A 9 1.62 10.07 15.78
CA GLY A 9 1.44 9.46 17.10
C GLY A 9 0.21 8.55 17.10
N PRO A 10 -0.14 8.01 18.27
CA PRO A 10 -1.20 7.01 18.31
C PRO A 10 -2.56 7.61 18.05
N ILE A 11 -3.40 6.81 17.41
CA ILE A 11 -4.80 7.15 17.27
C ILE A 11 -5.71 6.01 17.58
N PRO A 12 -6.95 6.34 17.97
CA PRO A 12 -7.95 5.30 18.10
C PRO A 12 -8.32 4.75 16.71
N VAL A 13 -8.28 3.43 16.61
CA VAL A 13 -8.68 2.68 15.39
C VAL A 13 -9.97 3.28 14.79
N SER A 14 -10.93 3.60 15.65
CA SER A 14 -12.23 4.04 15.16
C SER A 14 -12.19 5.45 14.56
N GLU A 15 -11.01 6.11 14.58
CA GLU A 15 -10.90 7.43 13.99
C GLU A 15 -10.22 7.32 12.62
N ALA A 16 -9.77 6.12 12.29
CA ALA A 16 -9.12 5.88 11.01
C ALA A 16 -10.10 6.20 9.89
N GLY A 17 -11.37 5.84 10.07
CA GLY A 17 -12.41 6.18 9.07
C GLY A 17 -12.09 5.62 7.65
N PHE A 18 -12.56 6.31 6.60
CA PHE A 18 -12.18 5.96 5.20
C PHE A 18 -10.65 5.91 5.02
N THR A 19 -10.13 4.74 4.73
CA THR A 19 -8.70 4.50 4.73
C THR A 19 -8.26 3.89 3.40
N LEU A 20 -7.36 4.56 2.68
CA LEU A 20 -6.61 3.97 1.56
C LEU A 20 -5.35 3.25 2.05
N THR A 21 -5.29 1.94 1.87
CA THR A 21 -4.34 1.10 2.59
C THR A 21 -3.13 0.70 1.73
N HIS A 22 -2.95 1.27 0.55
CA HIS A 22 -1.67 1.13 -0.15
C HIS A 22 -1.40 2.39 -0.92
N GLU A 23 -0.61 3.29 -0.36
CA GLU A 23 -0.38 4.58 -1.00
C GLU A 23 1.06 4.96 -0.75
N HIS A 24 1.49 6.06 -1.37
CA HIS A 24 2.86 6.53 -1.26
C HIS A 24 2.80 8.08 -1.26
N ILE A 25 3.49 8.74 -0.32
CA ILE A 25 3.78 10.14 -0.54
C ILE A 25 4.78 10.28 -1.67
N CYS A 26 5.83 9.47 -1.61
CA CYS A 26 6.89 9.56 -2.59
C CYS A 26 7.51 8.19 -2.85
N GLY A 27 7.62 7.80 -4.12
CA GLY A 27 8.27 6.52 -4.47
C GLY A 27 9.68 6.82 -4.92
N SER A 28 10.65 6.51 -4.03
CA SER A 28 12.07 6.87 -4.18
C SER A 28 13.07 5.74 -3.77
N SER A 29 14.27 6.13 -3.38
CA SER A 29 15.26 5.17 -2.87
C SER A 29 15.84 5.70 -1.54
N ALA A 30 16.17 4.79 -0.64
CA ALA A 30 16.92 5.14 0.56
C ALA A 30 18.01 6.23 0.29
N GLY A 31 17.83 7.43 0.90
CA GLY A 31 18.86 8.46 1.00
C GLY A 31 18.76 9.44 -0.13
N PHE A 32 17.88 9.11 -1.07
CA PHE A 32 17.75 9.86 -2.31
C PHE A 32 17.09 11.26 -2.16
N LEU A 33 15.99 11.32 -1.44
CA LEU A 33 15.37 12.63 -1.21
C LEU A 33 16.30 13.63 -0.48
N ARG A 34 17.16 13.11 0.39
CA ARG A 34 18.17 13.95 1.04
C ARG A 34 19.43 14.22 0.18
N ALA A 35 19.83 13.27 -0.66
CA ALA A 35 20.98 13.51 -1.54
C ALA A 35 20.64 14.34 -2.77
N TRP A 36 19.40 14.26 -3.21
CA TRP A 36 19.06 14.95 -4.44
C TRP A 36 17.62 15.48 -4.38
N PRO A 37 17.36 16.47 -3.49
CA PRO A 37 15.99 17.03 -3.43
C PRO A 37 15.51 17.70 -4.73
N GLU A 38 16.40 18.33 -5.47
CA GLU A 38 16.02 18.96 -6.75
C GLU A 38 15.46 18.01 -7.75
N PHE A 39 15.77 16.71 -7.67
CA PHE A 39 15.20 15.81 -8.66
C PHE A 39 13.71 16.15 -8.70
N PHE A 40 13.16 16.52 -7.56
CA PHE A 40 11.75 16.69 -7.45
C PHE A 40 11.34 18.15 -7.53
N GLY A 41 12.21 19.03 -8.06
CA GLY A 41 12.10 20.49 -7.85
C GLY A 41 12.64 20.94 -6.49
N SER A 42 11.99 20.49 -5.42
CA SER A 42 12.60 20.61 -4.08
C SER A 42 11.83 19.82 -3.03
N ARG A 43 12.43 19.57 -1.88
CA ARG A 43 11.68 19.00 -0.80
C ARG A 43 10.43 19.81 -0.59
N LYS A 44 10.54 21.16 -0.69
CA LYS A 44 9.42 22.08 -0.38
C LYS A 44 8.29 21.89 -1.42
N ALA A 45 8.65 21.92 -2.70
CA ALA A 45 7.67 21.67 -3.80
C ALA A 45 6.98 20.33 -3.66
N LEU A 46 7.73 19.29 -3.30
CA LEU A 46 7.12 18.00 -3.08
C LEU A 46 6.10 18.00 -1.95
N ALA A 47 6.51 18.49 -0.76
CA ALA A 47 5.60 18.58 0.37
C ALA A 47 4.31 19.34 -0.05
N GLU A 48 4.43 20.40 -0.85
CA GLU A 48 3.27 21.28 -1.08
C GLU A 48 2.33 20.55 -1.96
N LYS A 49 2.89 19.82 -2.92
CA LYS A 49 2.10 18.95 -3.79
C LYS A 49 1.42 17.79 -3.08
N ALA A 50 2.14 17.09 -2.21
CA ALA A 50 1.48 16.11 -1.33
C ALA A 50 0.34 16.76 -0.59
N VAL A 51 0.63 17.89 0.05
CA VAL A 51 -0.40 18.52 0.86
C VAL A 51 -1.71 18.86 0.06
N ARG A 52 -1.54 19.41 -1.15
CA ARG A 52 -2.68 19.82 -1.98
C ARG A 52 -3.44 18.54 -2.32
N GLY A 53 -2.68 17.50 -2.67
CA GLY A 53 -3.28 16.26 -3.14
C GLY A 53 -4.02 15.54 -2.03
N LEU A 54 -3.46 15.57 -0.81
CA LEU A 54 -4.09 14.92 0.33
C LEU A 54 -5.31 15.70 0.84
N ARG A 55 -5.28 17.03 0.74
CA ARG A 55 -6.47 17.83 1.14
C ARG A 55 -7.56 17.57 0.15
N HIS A 56 -7.20 17.39 -1.13
CA HIS A 56 -8.17 16.90 -2.13
C HIS A 56 -8.87 15.58 -1.78
N ALA A 57 -8.08 14.56 -1.40
CA ALA A 57 -8.64 13.24 -1.02
C ALA A 57 -9.49 13.40 0.23
N ARG A 58 -9.09 14.37 1.03
CA ARG A 58 -9.66 14.54 2.33
C ARG A 58 -11.05 15.21 2.20
N ALA A 59 -11.13 16.24 1.35
CA ALA A 59 -12.43 16.81 0.87
C ALA A 59 -13.36 15.71 0.37
N ALA A 60 -12.79 14.76 -0.38
CA ALA A 60 -13.53 13.64 -0.94
C ALA A 60 -14.00 12.62 0.08
N GLY A 61 -13.45 12.63 1.30
CA GLY A 61 -13.96 11.75 2.40
C GLY A 61 -12.88 10.84 3.02
N VAL A 62 -11.67 10.89 2.47
CA VAL A 62 -10.55 10.07 2.97
C VAL A 62 -9.99 10.64 4.32
N GLN A 63 -9.84 9.79 5.33
CA GLN A 63 -9.28 10.32 6.55
C GLN A 63 -7.90 9.76 6.92
N THR A 64 -7.58 8.58 6.37
CA THR A 64 -6.31 7.95 6.59
C THR A 64 -5.75 7.40 5.29
N ILE A 65 -4.44 7.53 5.11
CA ILE A 65 -3.70 6.67 4.16
C ILE A 65 -2.64 5.91 4.89
N VAL A 66 -2.45 4.67 4.48
CA VAL A 66 -1.31 3.89 4.90
C VAL A 66 -0.19 4.04 3.86
N ASP A 67 0.96 4.59 4.26
CA ASP A 67 2.04 4.81 3.29
C ASP A 67 2.98 3.61 3.39
N VAL A 68 2.88 2.74 2.39
CA VAL A 68 3.60 1.50 2.47
C VAL A 68 5.03 1.61 1.91
N SER A 69 5.62 2.81 1.88
CA SER A 69 7.05 2.99 1.51
C SER A 69 7.96 2.42 2.63
N THR A 70 8.79 1.46 2.24
CA THR A 70 9.73 0.81 3.13
C THR A 70 11.01 1.63 3.12
N PHE A 71 11.98 1.27 3.97
CA PHE A 71 13.37 1.74 3.77
C PHE A 71 13.82 1.90 2.28
N ASP A 72 13.68 0.85 1.46
CA ASP A 72 14.23 0.92 0.11
C ASP A 72 13.35 1.66 -0.90
N ILE A 73 12.16 2.08 -0.49
CA ILE A 73 11.34 2.97 -1.29
C ILE A 73 11.65 4.40 -0.90
N GLY A 74 12.48 4.55 0.11
CA GLY A 74 13.10 5.85 0.40
C GLY A 74 12.19 6.59 1.35
N ARG A 75 11.36 5.83 2.07
CA ARG A 75 10.47 6.36 3.08
C ARG A 75 11.13 7.48 3.89
N ASP A 76 10.60 8.71 3.78
CA ASP A 76 11.02 9.80 4.67
C ASP A 76 9.95 10.14 5.68
N VAL A 77 10.14 9.73 6.93
CA VAL A 77 9.05 9.72 7.90
C VAL A 77 8.87 11.17 8.44
N ARG A 78 9.93 11.98 8.40
CA ARG A 78 9.76 13.39 8.63
C ARG A 78 8.80 14.06 7.65
N LEU A 79 8.98 13.79 6.35
CA LEU A 79 8.12 14.38 5.30
C LEU A 79 6.64 13.92 5.49
N LEU A 80 6.45 12.66 5.87
CA LEU A 80 5.12 12.13 6.18
C LEU A 80 4.52 12.85 7.40
N ALA A 81 5.26 13.00 8.49
CA ALA A 81 4.71 13.83 9.58
C ALA A 81 4.28 15.23 9.09
N GLU A 82 5.10 15.81 8.24
CA GLU A 82 4.87 17.15 7.85
C GLU A 82 3.69 17.35 6.85
N VAL A 83 3.55 16.52 5.83
CA VAL A 83 2.31 16.59 5.04
C VAL A 83 1.08 16.15 5.85
N SER A 84 1.20 15.12 6.68
CA SER A 84 0.08 14.69 7.52
C SER A 84 -0.52 15.85 8.33
N ARG A 85 0.31 16.65 8.99
CA ARG A 85 -0.16 17.80 9.78
C ARG A 85 -0.76 18.81 8.86
N ALA A 86 -0.06 19.19 7.80
CA ALA A 86 -0.55 20.29 6.97
C ALA A 86 -1.92 19.96 6.37
N ALA A 87 -2.18 18.68 6.07
CA ALA A 87 -3.38 18.30 5.29
C ALA A 87 -4.42 17.75 6.28
N ASP A 88 -4.03 17.53 7.50
CA ASP A 88 -4.97 16.92 8.45
C ASP A 88 -5.50 15.58 7.96
N VAL A 89 -4.60 14.68 7.55
CA VAL A 89 -4.96 13.34 7.15
C VAL A 89 -3.99 12.40 7.84
N HIS A 90 -4.48 11.33 8.46
CA HIS A 90 -3.63 10.39 9.11
C HIS A 90 -2.82 9.62 8.10
N ILE A 91 -1.54 9.41 8.42
CA ILE A 91 -0.65 8.61 7.61
C ILE A 91 0.03 7.58 8.50
N VAL A 92 -0.32 6.31 8.27
CA VAL A 92 0.34 5.11 8.91
C VAL A 92 1.56 4.71 8.10
N ALA A 93 2.70 4.63 8.77
CA ALA A 93 3.97 4.40 8.09
C ALA A 93 4.27 2.91 8.08
N ALA A 94 5.27 2.53 7.27
CA ALA A 94 5.63 1.07 7.04
C ALA A 94 7.02 0.73 7.46
N THR A 95 7.24 -0.52 7.87
CA THR A 95 8.58 -1.13 7.87
C THR A 95 8.53 -2.22 6.85
N GLY A 96 9.56 -3.09 6.84
CA GLY A 96 9.69 -4.15 5.83
C GLY A 96 10.63 -3.83 4.70
N LEU A 97 10.63 -4.62 3.64
CA LEU A 97 11.44 -4.25 2.46
C LEU A 97 10.73 -4.56 1.17
N TRP A 98 10.85 -3.61 0.24
CA TRP A 98 10.33 -3.72 -1.09
C TRP A 98 11.38 -4.51 -1.94
N PHE A 99 11.34 -4.41 -3.26
CA PHE A 99 12.24 -5.26 -4.02
C PHE A 99 13.52 -4.55 -4.50
N ASP A 100 13.85 -3.40 -3.91
CA ASP A 100 15.14 -2.77 -4.19
C ASP A 100 16.08 -2.68 -2.99
N PRO A 101 16.19 -3.75 -2.17
CA PRO A 101 16.99 -3.65 -0.94
C PRO A 101 18.51 -3.57 -1.24
N PRO A 102 19.24 -2.71 -0.53
CA PRO A 102 20.69 -2.57 -0.81
C PRO A 102 21.46 -3.71 -0.13
N LEU A 103 22.78 -3.78 -0.38
CA LEU A 103 23.58 -4.94 0.09
C LEU A 103 23.57 -5.07 1.61
N SER A 104 23.57 -3.94 2.31
CA SER A 104 23.39 -4.00 3.74
C SER A 104 22.15 -4.74 4.19
N MET A 105 21.10 -4.78 3.40
CA MET A 105 19.93 -5.57 3.81
C MET A 105 20.02 -6.97 3.26
N ARG A 106 20.49 -7.07 2.04
CA ARG A 106 20.52 -8.36 1.40
C ARG A 106 21.50 -9.34 1.99
N MET A 107 22.38 -8.89 2.89
CA MET A 107 23.42 -9.78 3.43
C MET A 107 22.90 -10.31 4.77
N ARG A 108 21.68 -9.94 5.13
CA ARG A 108 21.19 -10.18 6.51
C ARG A 108 20.39 -11.46 6.61
N SER A 109 20.49 -12.10 7.76
CA SER A 109 19.72 -13.30 8.01
C SER A 109 18.26 -12.96 8.36
N VAL A 110 17.41 -13.98 8.32
CA VAL A 110 16.07 -13.88 8.85
C VAL A 110 16.08 -13.30 10.27
N GLU A 111 17.02 -13.71 11.12
CA GLU A 111 16.97 -13.22 12.52
C GLU A 111 17.19 -11.71 12.61
N GLU A 112 18.05 -11.20 11.73
CA GLU A 112 18.48 -9.82 11.80
C GLU A 112 17.45 -8.87 11.14
N LEU A 113 16.88 -9.30 10.03
CA LEU A 113 15.70 -8.65 9.47
C LEU A 113 14.59 -8.46 10.51
N THR A 114 14.34 -9.50 11.29
CA THR A 114 13.26 -9.46 12.27
C THR A 114 13.60 -8.39 13.31
N GLN A 115 14.87 -8.23 13.65
CA GLN A 115 15.28 -7.19 14.58
C GLN A 115 15.10 -5.85 13.92
N PHE A 116 15.49 -5.76 12.65
CA PHE A 116 15.26 -4.50 11.97
C PHE A 116 13.77 -4.09 11.92
N PHE A 117 12.88 -4.99 11.51
CA PHE A 117 11.46 -4.60 11.47
C PHE A 117 10.89 -4.24 12.87
N LEU A 118 11.19 -5.08 13.87
CA LEU A 118 10.76 -4.83 15.25
C LEU A 118 11.27 -3.48 15.76
N ARG A 119 12.51 -3.18 15.45
CA ARG A 119 13.01 -1.88 15.80
C ARG A 119 12.06 -0.79 15.31
N GLU A 120 11.71 -0.82 14.02
CA GLU A 120 10.96 0.27 13.42
C GLU A 120 9.53 0.27 13.98
N ILE A 121 9.05 -0.89 14.42
CA ILE A 121 7.68 -0.99 14.94
C ILE A 121 7.65 -0.55 16.39
N GLN A 122 8.65 -0.97 17.16
CA GLN A 122 8.60 -0.92 18.63
C GLN A 122 9.38 0.24 19.20
N HIS A 123 10.38 0.70 18.46
CA HIS A 123 11.20 1.74 18.98
C HIS A 123 11.01 3.03 18.17
N GLY A 124 11.10 2.98 16.87
CA GLY A 124 10.87 4.14 16.08
C GLY A 124 11.76 4.10 14.90
N ILE A 125 11.31 4.68 13.84
CA ILE A 125 12.08 4.75 12.65
C ILE A 125 13.18 5.81 12.79
N GLU A 126 14.41 5.42 12.46
CA GLU A 126 15.59 6.31 12.55
C GLU A 126 15.77 6.88 13.96
N ASP A 127 16.03 8.18 14.08
CA ASP A 127 16.07 8.81 15.40
C ASP A 127 14.74 9.49 15.77
N THR A 128 13.63 9.10 15.14
CA THR A 128 12.44 9.95 15.19
C THR A 128 11.44 9.54 16.28
N GLY A 129 11.41 8.27 16.70
CA GLY A 129 10.33 7.87 17.61
C GLY A 129 9.00 7.57 16.95
N ILE A 130 8.86 7.84 15.64
CA ILE A 130 7.64 7.49 14.86
C ILE A 130 7.58 5.96 14.57
N ARG A 131 6.48 5.31 14.90
CA ARG A 131 6.43 3.85 14.81
C ARG A 131 5.71 3.29 13.59
N ALA A 132 6.36 2.41 12.83
CA ALA A 132 5.71 1.76 11.70
C ALA A 132 4.48 1.04 12.19
N GLY A 133 3.38 1.13 11.43
CA GLY A 133 2.13 0.46 11.84
C GLY A 133 1.70 -0.58 10.82
N ILE A 134 2.58 -0.84 9.86
CA ILE A 134 2.34 -1.97 8.96
C ILE A 134 3.68 -2.49 8.47
N ILE A 135 3.74 -3.80 8.21
CA ILE A 135 4.94 -4.37 7.62
C ILE A 135 4.85 -4.57 6.13
N KCX A 136 5.74 -3.75 5.17
CA KCX A 136 5.53 -4.01 3.74
CB KCX A 136 5.59 -2.70 2.97
CG KCX A 136 5.93 -2.87 1.48
CD KCX A 136 4.68 -3.39 0.77
CE KCX A 136 4.89 -3.34 -0.77
NZ KCX A 136 4.75 -1.97 -1.23
C KCX A 136 6.59 -5.00 3.30
O KCX A 136 7.81 -4.86 3.57
CX KCX A 136 4.63 -1.67 -2.52
OQ1 KCX A 136 4.71 -0.47 -2.91
OQ2 KCX A 136 4.34 -2.60 -3.32
N VAL A 137 6.39 -5.98 2.34
CA VAL A 137 7.17 -7.13 1.83
C VAL A 137 6.89 -7.24 0.27
N ALA A 138 7.73 -7.96 -0.49
CA ALA A 138 7.57 -7.95 -1.98
C ALA A 138 8.24 -9.10 -2.67
N THR A 139 7.54 -9.63 -3.67
CA THR A 139 8.10 -10.55 -4.65
C THR A 139 7.73 -10.04 -6.05
N THR A 140 8.53 -10.38 -7.05
CA THR A 140 8.10 -10.17 -8.44
C THR A 140 8.26 -11.46 -9.25
N GLY A 141 7.39 -12.44 -8.98
CA GLY A 141 7.62 -13.83 -9.40
C GLY A 141 8.02 -14.73 -8.22
N LYS A 142 8.62 -15.87 -8.55
CA LYS A 142 9.05 -16.79 -7.57
C LYS A 142 9.88 -15.92 -6.62
N ALA A 143 9.69 -16.07 -5.32
CA ALA A 143 10.51 -15.35 -4.33
C ALA A 143 11.98 -15.70 -4.51
N THR A 144 12.85 -14.72 -4.74
CA THR A 144 14.30 -14.90 -4.56
C THR A 144 14.58 -15.46 -3.14
N PRO A 145 15.76 -16.07 -2.96
CA PRO A 145 16.17 -16.56 -1.64
C PRO A 145 16.15 -15.47 -0.54
N PHE A 146 16.63 -14.25 -0.84
CA PHE A 146 16.52 -13.16 0.14
C PHE A 146 15.07 -12.77 0.45
N GLN A 147 14.23 -12.74 -0.58
CA GLN A 147 12.82 -12.52 -0.34
C GLN A 147 12.17 -13.56 0.58
N GLU A 148 12.52 -14.84 0.47
CA GLU A 148 12.05 -15.80 1.48
C GLU A 148 12.35 -15.40 2.91
N LEU A 149 13.59 -15.00 3.15
CA LEU A 149 13.96 -14.46 4.45
C LEU A 149 13.12 -13.25 4.85
N VAL A 150 12.86 -12.31 3.94
CA VAL A 150 12.15 -11.12 4.35
C VAL A 150 10.73 -11.56 4.76
N LEU A 151 10.14 -12.47 4.00
CA LEU A 151 8.78 -12.88 4.24
C LEU A 151 8.64 -13.57 5.61
N LYS A 152 9.51 -14.54 5.92
CA LYS A 152 9.57 -15.12 7.24
C LYS A 152 9.84 -14.09 8.33
N ALA A 153 10.80 -13.17 8.12
CA ALA A 153 11.00 -12.11 9.11
C ALA A 153 9.77 -11.19 9.26
N ALA A 154 9.18 -10.76 8.13
CA ALA A 154 7.88 -10.09 8.19
C ALA A 154 6.89 -10.85 9.05
N ALA A 155 6.80 -12.19 8.90
CA ALA A 155 5.80 -12.94 9.67
C ALA A 155 6.12 -12.97 11.17
N ARG A 156 7.40 -13.06 11.51
CA ARG A 156 7.79 -13.08 12.90
C ARG A 156 7.54 -11.74 13.56
N ALA A 157 7.81 -10.67 12.85
CA ALA A 157 7.65 -9.37 13.46
C ALA A 157 6.16 -9.04 13.71
N SER A 158 5.32 -9.54 12.81
CA SER A 158 3.87 -9.47 12.97
C SER A 158 3.31 -10.32 14.12
N LEU A 159 3.78 -11.55 14.29
CA LEU A 159 3.34 -12.31 15.47
C LEU A 159 3.81 -11.63 16.75
N ALA A 160 4.98 -11.01 16.77
CA ALA A 160 5.46 -10.40 18.01
C ALA A 160 4.61 -9.21 18.42
N THR A 161 4.15 -8.44 17.45
CA THR A 161 3.68 -7.08 17.74
C THR A 161 2.20 -6.98 17.39
N GLY A 162 1.74 -7.84 16.49
CA GLY A 162 0.34 -7.81 16.03
C GLY A 162 0.03 -6.87 14.88
N VAL A 163 1.04 -6.16 14.38
CA VAL A 163 0.95 -5.34 13.15
C VAL A 163 0.73 -6.19 11.89
N PRO A 164 -0.21 -5.79 11.03
CA PRO A 164 -0.51 -6.55 9.82
C PRO A 164 0.67 -6.54 8.83
N VAL A 165 0.67 -7.43 7.83
CA VAL A 165 1.70 -7.45 6.78
C VAL A 165 1.01 -7.23 5.43
N THR A 166 1.68 -6.61 4.47
CA THR A 166 1.00 -6.34 3.21
C THR A 166 1.98 -6.49 2.09
N THR A 167 1.51 -6.88 0.92
CA THR A 167 2.49 -7.30 -0.07
C THR A 167 2.37 -6.68 -1.45
N HIS A 168 3.53 -6.63 -2.13
CA HIS A 168 3.63 -6.41 -3.58
C HIS A 168 3.67 -7.78 -4.23
N THR A 169 2.93 -7.93 -5.32
CA THR A 169 2.99 -9.15 -6.12
C THR A 169 3.21 -8.71 -7.56
N SER A 170 3.82 -9.57 -8.35
CA SER A 170 3.45 -9.62 -9.75
C SER A 170 2.18 -10.52 -9.93
N ALA A 171 1.04 -9.87 -10.11
CA ALA A 171 -0.26 -10.58 -9.97
C ALA A 171 -0.47 -11.56 -11.09
N SER A 172 0.14 -11.30 -12.23
CA SER A 172 0.01 -12.21 -13.35
C SER A 172 0.70 -13.56 -13.06
N GLN A 173 1.69 -13.58 -12.17
CA GLN A 173 2.39 -14.83 -11.91
C GLN A 173 1.95 -15.41 -10.59
N ARG A 174 0.89 -14.87 -10.00
CA ARG A 174 0.19 -15.61 -8.98
C ARG A 174 1.11 -15.82 -7.76
N ASP A 175 1.92 -14.81 -7.44
CA ASP A 175 2.85 -14.76 -6.29
C ASP A 175 2.15 -15.02 -4.96
N GLY A 176 0.90 -14.58 -4.87
CA GLY A 176 0.24 -14.55 -3.59
C GLY A 176 0.22 -15.91 -2.96
N GLU A 177 0.24 -16.92 -3.80
CA GLU A 177 0.11 -18.31 -3.33
C GLU A 177 1.37 -18.81 -2.64
N GLN A 178 2.53 -18.64 -3.27
CA GLN A 178 3.79 -18.80 -2.56
C GLN A 178 3.89 -17.97 -1.28
N GLN A 179 3.70 -16.65 -1.44
CA GLN A 179 3.67 -15.74 -0.31
C GLN A 179 2.87 -16.30 0.88
N ALA A 180 1.65 -16.76 0.63
CA ALA A 180 0.82 -17.35 1.67
C ALA A 180 1.42 -18.64 2.29
N ALA A 181 2.02 -19.49 1.44
CA ALA A 181 2.69 -20.70 1.93
C ALA A 181 3.85 -20.35 2.89
N ILE A 182 4.72 -19.43 2.47
CA ILE A 182 5.76 -18.94 3.37
C ILE A 182 5.25 -18.40 4.70
N PHE A 183 4.21 -17.54 4.67
CA PHE A 183 3.68 -16.96 5.89
C PHE A 183 3.06 -18.05 6.74
N GLU A 184 2.32 -18.92 6.08
CA GLU A 184 1.66 -20.01 6.81
C GLU A 184 2.70 -20.94 7.49
N SER A 185 3.79 -21.25 6.77
CA SER A 185 4.87 -22.05 7.37
C SER A 185 5.45 -21.41 8.64
N GLU A 186 5.13 -20.13 8.89
CA GLU A 186 5.64 -19.40 10.08
C GLU A 186 4.55 -19.23 11.15
N GLY A 187 3.36 -19.76 10.88
CA GLY A 187 2.27 -19.64 11.85
C GLY A 187 1.44 -18.37 11.76
N LEU A 188 1.62 -17.60 10.70
CA LEU A 188 0.92 -16.31 10.59
C LEU A 188 -0.54 -16.45 10.15
N SER A 189 -1.43 -15.79 10.86
CA SER A 189 -2.82 -15.84 10.50
C SER A 189 -3.10 -15.10 9.17
N PRO A 190 -3.74 -15.80 8.20
CA PRO A 190 -4.05 -15.15 6.89
C PRO A 190 -4.80 -13.82 7.02
N SER A 191 -5.56 -13.62 8.08
CA SER A 191 -6.25 -12.33 8.20
C SER A 191 -5.35 -11.23 8.71
N ARG A 192 -4.07 -11.51 8.88
CA ARG A 192 -3.11 -10.49 9.23
C ARG A 192 -2.38 -10.05 7.96
N VAL A 193 -2.74 -10.68 6.83
CA VAL A 193 -1.95 -10.51 5.62
C VAL A 193 -2.79 -9.99 4.49
N CYS A 194 -2.33 -8.93 3.83
CA CYS A 194 -2.95 -8.49 2.59
C CYS A 194 -2.09 -8.78 1.35
N ILE A 195 -2.68 -9.48 0.38
CA ILE A 195 -1.99 -9.71 -0.87
C ILE A 195 -2.26 -8.63 -1.91
N GLY A 196 -1.28 -7.79 -2.18
CA GLY A 196 -1.54 -6.57 -2.92
C GLY A 196 -1.33 -6.67 -4.40
N HIS A 197 -1.68 -5.59 -5.09
CA HIS A 197 -1.70 -5.57 -6.52
C HIS A 197 -2.56 -6.64 -7.20
N SER A 198 -3.45 -7.25 -6.43
CA SER A 198 -4.30 -8.30 -6.94
C SER A 198 -5.29 -7.85 -8.00
N ASP A 199 -5.53 -6.57 -8.12
CA ASP A 199 -6.29 -6.04 -9.26
C ASP A 199 -5.44 -5.91 -10.54
N ASP A 200 -4.18 -6.26 -10.48
CA ASP A 200 -3.42 -6.37 -11.73
C ASP A 200 -3.77 -7.65 -12.61
N THR A 201 -4.49 -8.62 -12.05
CA THR A 201 -4.99 -9.77 -12.82
C THR A 201 -6.53 -9.84 -12.74
N ASP A 202 -7.15 -10.46 -13.75
CA ASP A 202 -8.58 -10.85 -13.61
C ASP A 202 -8.77 -12.32 -13.22
N ASP A 203 -7.73 -12.94 -12.65
CA ASP A 203 -7.84 -14.31 -12.25
C ASP A 203 -8.56 -14.54 -10.94
N LEU A 204 -9.89 -14.72 -11.04
CA LEU A 204 -10.75 -14.88 -9.87
C LEU A 204 -10.62 -16.24 -9.18
N SER A 205 -10.13 -17.24 -9.91
CA SER A 205 -9.68 -18.52 -9.32
C SER A 205 -8.54 -18.29 -8.32
N TYR A 206 -7.46 -17.67 -8.77
CA TYR A 206 -6.44 -17.10 -7.92
C TYR A 206 -6.96 -16.21 -6.73
N LEU A 207 -7.81 -15.23 -7.03
CA LEU A 207 -8.21 -14.27 -6.01
C LEU A 207 -9.13 -14.85 -4.99
N THR A 208 -10.12 -15.63 -5.43
CA THR A 208 -11.01 -16.31 -4.45
C THR A 208 -10.32 -17.44 -3.62
N GLY A 209 -9.33 -18.11 -4.23
CA GLY A 209 -8.44 -19.04 -3.53
C GLY A 209 -7.81 -18.38 -2.31
N LEU A 210 -7.23 -17.20 -2.49
CA LEU A 210 -6.66 -16.43 -1.34
C LEU A 210 -7.74 -16.02 -0.35
N ALA A 211 -8.77 -15.31 -0.85
CA ALA A 211 -9.87 -14.83 0.00
C ALA A 211 -10.49 -15.97 0.83
N ALA A 212 -10.68 -17.12 0.20
CA ALA A 212 -11.30 -18.26 0.86
C ALA A 212 -10.47 -18.72 2.02
N ARG A 213 -9.14 -18.66 1.90
CA ARG A 213 -8.24 -18.89 3.04
C ARG A 213 -8.13 -17.82 4.14
N GLY A 214 -8.70 -16.63 3.93
CA GLY A 214 -8.78 -15.60 4.98
C GLY A 214 -7.88 -14.40 4.69
N TYR A 215 -7.03 -14.50 3.66
CA TYR A 215 -6.23 -13.36 3.23
C TYR A 215 -7.10 -12.16 2.89
N LEU A 216 -6.62 -10.95 3.12
CA LEU A 216 -7.29 -9.78 2.55
C LEU A 216 -6.77 -9.68 1.14
N VAL A 217 -7.56 -9.14 0.21
CA VAL A 217 -7.14 -9.08 -1.20
C VAL A 217 -7.06 -7.61 -1.60
N GLY A 218 -5.85 -7.16 -1.94
CA GLY A 218 -5.61 -5.74 -2.11
C GLY A 218 -5.85 -5.35 -3.55
N LEU A 219 -7.00 -4.70 -3.79
CA LEU A 219 -7.32 -4.18 -5.09
C LEU A 219 -6.90 -2.72 -5.10
N ASP A 220 -5.64 -2.48 -5.46
CA ASP A 220 -4.97 -1.30 -4.96
C ASP A 220 -4.31 -0.46 -6.04
N ARG A 221 -4.63 -0.71 -7.32
CA ARG A 221 -4.16 0.17 -8.41
C ARG A 221 -5.31 0.82 -9.25
N MET A 222 -6.46 1.02 -8.64
CA MET A 222 -7.63 1.47 -9.36
C MET A 222 -7.38 2.45 -10.54
N PRO A 223 -6.54 3.49 -10.37
CA PRO A 223 -6.51 4.46 -11.48
C PRO A 223 -5.43 4.13 -12.53
N TYR A 224 -4.84 2.94 -12.44
CA TYR A 224 -3.71 2.63 -13.31
C TYR A 224 -4.28 2.05 -14.59
N SER A 225 -4.25 2.88 -15.63
CA SER A 225 -4.51 2.44 -16.99
C SER A 225 -3.74 3.27 -18.04
N ALA A 226 -3.15 2.61 -19.03
CA ALA A 226 -2.46 3.33 -20.13
C ALA A 226 -3.23 3.30 -21.47
N ILE A 227 -4.56 3.14 -21.40
CA ILE A 227 -5.44 3.29 -22.58
C ILE A 227 -5.36 4.70 -23.25
N GLY A 228 -4.87 4.75 -24.49
CA GLY A 228 -4.66 6.03 -25.17
C GLY A 228 -3.20 6.49 -25.13
N LEU A 229 -2.32 5.68 -24.55
CA LEU A 229 -0.88 6.00 -24.37
C LEU A 229 -0.01 4.88 -24.95
N GLU A 230 -0.46 4.32 -26.07
CA GLU A 230 0.07 3.07 -26.65
C GLU A 230 1.51 3.21 -27.19
N GLY A 231 1.92 4.46 -27.45
CA GLY A 231 3.27 4.73 -27.91
C GLY A 231 4.18 5.13 -26.77
N ASP A 232 3.75 4.83 -25.55
CA ASP A 232 4.52 5.22 -24.38
C ASP A 232 4.99 3.96 -23.62
N ALA A 233 6.16 3.43 -24.05
CA ALA A 233 6.57 2.04 -23.74
C ALA A 233 6.67 1.81 -22.22
N SER A 234 7.17 2.84 -21.53
CA SER A 234 7.29 2.82 -20.10
C SER A 234 5.92 2.97 -19.36
N ALA A 235 5.08 3.89 -19.81
CA ALA A 235 3.65 3.88 -19.42
C ALA A 235 2.97 2.52 -19.56
N LEU A 236 3.19 1.80 -20.67
CA LEU A 236 2.54 0.51 -20.86
C LEU A 236 2.94 -0.58 -19.86
N ALA A 237 4.24 -0.78 -19.70
CA ALA A 237 4.75 -1.84 -18.81
C ALA A 237 4.17 -1.59 -17.40
N LEU A 238 3.99 -0.32 -17.06
CA LEU A 238 3.59 0.03 -15.70
C LEU A 238 2.09 0.03 -15.52
N PHE A 239 1.39 0.77 -16.39
CA PHE A 239 -0.06 1.00 -16.24
C PHE A 239 -0.94 -0.14 -16.72
N GLY A 240 -0.40 -0.95 -17.66
CA GLY A 240 -1.16 -1.99 -18.36
C GLY A 240 -2.19 -1.40 -19.29
N THR A 241 -3.12 -2.24 -19.77
CA THR A 241 -4.06 -1.84 -20.86
C THR A 241 -5.55 -2.04 -20.52
N ARG A 242 -5.79 -2.70 -19.37
CA ARG A 242 -7.08 -2.76 -18.67
C ARG A 242 -7.52 -1.40 -18.10
N SER A 243 -8.82 -1.12 -18.16
CA SER A 243 -9.39 0.16 -17.68
C SER A 243 -9.62 0.20 -16.16
N TRP A 244 -9.88 1.39 -15.63
CA TRP A 244 -10.18 1.54 -14.25
C TRP A 244 -11.47 0.84 -13.89
N GLN A 245 -12.37 0.73 -14.86
CA GLN A 245 -13.64 0.05 -14.63
C GLN A 245 -13.43 -1.43 -14.49
N THR A 246 -12.60 -1.97 -15.40
CA THR A 246 -12.26 -3.38 -15.38
C THR A 246 -11.73 -3.76 -14.03
N ARG A 247 -10.82 -2.95 -13.50
CA ARG A 247 -10.35 -3.11 -12.08
C ARG A 247 -11.48 -2.99 -11.06
N ALA A 248 -12.34 -1.96 -11.21
CA ALA A 248 -13.35 -1.66 -10.16
C ALA A 248 -14.38 -2.81 -10.07
N LEU A 249 -14.60 -3.43 -11.22
CA LEU A 249 -15.40 -4.65 -11.27
C LEU A 249 -14.90 -5.79 -10.39
N LEU A 250 -13.58 -5.98 -10.31
CA LEU A 250 -13.05 -6.98 -9.39
C LEU A 250 -13.67 -6.81 -8.01
N ILE A 251 -13.87 -5.56 -7.57
CA ILE A 251 -14.41 -5.32 -6.25
C ILE A 251 -15.82 -5.87 -6.17
N LYS A 252 -16.67 -5.53 -7.15
CA LYS A 252 -18.03 -6.09 -7.17
C LYS A 252 -17.98 -7.62 -7.29
N ALA A 253 -17.04 -8.08 -8.11
CA ALA A 253 -16.90 -9.51 -8.38
C ALA A 253 -16.68 -10.26 -7.11
N LEU A 254 -15.79 -9.78 -6.24
CA LEU A 254 -15.55 -10.46 -4.97
C LEU A 254 -16.74 -10.28 -4.02
N ILE A 255 -17.32 -9.09 -3.98
CA ILE A 255 -18.50 -8.88 -3.14
C ILE A 255 -19.66 -9.85 -3.57
N ASP A 256 -19.88 -9.99 -4.88
CA ASP A 256 -20.91 -10.93 -5.31
C ASP A 256 -20.59 -12.38 -4.92
N ARG A 257 -19.31 -12.71 -4.71
CA ARG A 257 -19.01 -14.08 -4.37
C ARG A 257 -18.87 -14.29 -2.88
N GLY A 258 -19.21 -13.27 -2.11
CA GLY A 258 -19.42 -13.46 -0.68
C GLY A 258 -18.22 -12.98 0.10
N TYR A 259 -17.36 -12.16 -0.54
CA TYR A 259 -16.04 -11.86 0.02
C TYR A 259 -15.86 -10.38 0.38
N LYS A 260 -16.97 -9.67 0.63
CA LYS A 260 -16.91 -8.30 1.12
C LYS A 260 -15.89 -8.03 2.22
N ASP A 261 -15.75 -8.95 3.18
CA ASP A 261 -14.86 -8.68 4.32
C ASP A 261 -13.38 -8.84 3.95
N ARG A 262 -13.09 -9.42 2.77
CA ARG A 262 -11.72 -9.71 2.41
C ARG A 262 -11.11 -8.80 1.40
N ILE A 263 -11.79 -7.69 1.10
CA ILE A 263 -11.29 -6.71 0.13
C ILE A 263 -10.73 -5.46 0.86
N LEU A 264 -9.60 -4.97 0.37
CA LEU A 264 -9.15 -3.61 0.64
C LEU A 264 -8.95 -2.90 -0.69
N VAL A 265 -9.20 -1.59 -0.76
CA VAL A 265 -9.13 -0.83 -2.05
C VAL A 265 -8.25 0.39 -1.91
N SER A 266 -7.41 0.65 -2.92
CA SER A 266 -6.49 1.79 -2.79
C SER A 266 -6.02 2.26 -4.17
N HIS A 267 -5.09 3.22 -4.27
CA HIS A 267 -4.63 3.68 -5.62
C HIS A 267 -3.22 3.29 -5.94
N ASP A 268 -2.42 3.00 -4.91
CA ASP A 268 -0.98 2.91 -5.08
C ASP A 268 -0.48 4.17 -5.77
N TRP A 269 -0.99 5.33 -5.33
CA TRP A 269 -0.65 6.60 -5.96
C TRP A 269 0.62 7.24 -5.28
N LEU A 270 1.11 8.35 -5.82
CA LEU A 270 2.22 9.07 -5.22
C LEU A 270 2.19 10.53 -5.65
N PHE A 271 3.03 11.32 -4.99
CA PHE A 271 3.18 12.65 -5.40
C PHE A 271 4.57 12.94 -5.95
N GLY A 272 5.48 11.99 -5.77
CA GLY A 272 6.78 12.00 -6.50
C GLY A 272 7.34 10.60 -6.72
N PHE A 273 8.14 10.43 -7.77
CA PHE A 273 8.47 9.11 -8.27
C PHE A 273 9.85 9.11 -8.91
N SER A 274 10.90 8.77 -8.16
CA SER A 274 12.25 8.85 -8.70
C SER A 274 12.72 7.49 -9.20
N SER A 275 12.00 6.46 -8.75
CA SER A 275 12.44 5.05 -9.00
C SER A 275 11.88 4.55 -10.31
N TYR A 276 11.54 5.43 -11.25
CA TYR A 276 11.12 5.00 -12.58
C TYR A 276 11.59 6.03 -13.57
N VAL A 277 11.14 5.97 -14.83
CA VAL A 277 11.57 6.97 -15.83
C VAL A 277 11.23 8.43 -15.51
N THR A 278 12.06 9.34 -15.97
CA THR A 278 11.92 10.75 -15.66
C THR A 278 10.60 11.29 -16.23
N ASN A 279 9.87 12.01 -15.39
CA ASN A 279 8.56 12.57 -15.81
C ASN A 279 7.37 11.64 -15.80
N ILE A 280 7.57 10.40 -15.38
CA ILE A 280 6.43 9.49 -15.21
C ILE A 280 5.29 10.18 -14.43
N MET A 281 5.68 11.03 -13.50
CA MET A 281 4.74 11.65 -12.61
C MET A 281 3.85 12.67 -13.38
N ASP A 282 4.39 13.32 -14.43
CA ASP A 282 3.54 14.16 -15.32
C ASP A 282 2.52 13.34 -16.07
N VAL A 283 3.01 12.29 -16.73
CA VAL A 283 2.18 11.24 -17.26
C VAL A 283 1.04 10.79 -16.32
N MET A 284 1.39 10.28 -15.13
CA MET A 284 0.40 9.94 -14.09
C MET A 284 -0.64 11.01 -13.79
N ASP A 285 -0.16 12.24 -13.67
CA ASP A 285 -1.03 13.34 -13.33
C ASP A 285 -2.02 13.68 -14.44
N ARG A 286 -1.63 13.46 -15.70
CA ARG A 286 -2.59 13.56 -16.80
C ARG A 286 -3.60 12.42 -16.86
N ILE A 287 -3.17 11.17 -16.72
CA ILE A 287 -4.12 10.10 -16.61
C ILE A 287 -4.97 10.10 -15.34
N ASN A 288 -4.58 10.78 -14.26
CA ASN A 288 -5.44 10.82 -13.05
C ASN A 288 -5.28 12.08 -12.18
N PRO A 289 -5.79 13.22 -12.67
CA PRO A 289 -5.56 14.47 -11.93
C PRO A 289 -6.16 14.41 -10.51
N ASP A 290 -7.09 13.50 -10.29
CA ASP A 290 -7.68 13.35 -8.97
C ASP A 290 -6.77 12.72 -7.93
N GLY A 291 -5.60 12.28 -8.37
CA GLY A 291 -4.73 11.55 -7.45
C GLY A 291 -5.52 10.63 -6.51
N MET A 292 -5.35 10.86 -5.20
CA MET A 292 -5.85 9.95 -4.18
C MET A 292 -7.32 10.17 -3.83
N ALA A 293 -8.01 11.05 -4.56
CA ALA A 293 -9.48 11.12 -4.44
C ALA A 293 -10.19 10.33 -5.52
N PHE A 294 -9.41 9.65 -6.35
CA PHE A 294 -10.00 8.92 -7.44
C PHE A 294 -10.95 7.85 -6.95
N VAL A 295 -10.60 7.17 -5.86
CA VAL A 295 -11.44 6.07 -5.40
C VAL A 295 -12.82 6.54 -4.92
N PRO A 296 -12.85 7.48 -3.94
CA PRO A 296 -14.14 8.04 -3.50
C PRO A 296 -14.96 8.74 -4.60
N LEU A 297 -14.30 9.42 -5.55
CA LEU A 297 -15.00 10.19 -6.57
C LEU A 297 -15.54 9.31 -7.72
N ARG A 298 -14.76 8.30 -8.12
CA ARG A 298 -15.01 7.54 -9.35
C ARG A 298 -15.41 6.14 -8.99
N VAL A 299 -14.59 5.46 -8.21
CA VAL A 299 -14.84 4.04 -7.94
C VAL A 299 -16.09 3.79 -7.09
N ILE A 300 -16.29 4.52 -5.97
CA ILE A 300 -17.41 4.21 -5.10
C ILE A 300 -18.76 4.39 -5.78
N PRO A 301 -19.01 5.59 -6.33
CA PRO A 301 -20.24 5.87 -7.11
C PRO A 301 -20.47 4.92 -8.26
N PHE A 302 -19.39 4.45 -8.89
CA PHE A 302 -19.51 3.42 -9.91
C PHE A 302 -19.98 2.12 -9.27
N LEU A 303 -19.50 1.81 -8.09
CA LEU A 303 -19.97 0.63 -7.43
C LEU A 303 -21.42 0.80 -6.96
N ARG A 304 -21.79 2.02 -6.57
CA ARG A 304 -23.09 2.31 -5.98
C ARG A 304 -24.05 2.05 -7.09
N GLU A 305 -23.73 2.58 -8.27
CA GLU A 305 -24.60 2.49 -9.46
C GLU A 305 -24.71 1.10 -10.07
N LYS A 306 -23.68 0.26 -9.90
CA LYS A 306 -23.85 -1.12 -10.28
C LYS A 306 -24.60 -1.89 -9.18
N GLY A 307 -25.21 -1.17 -8.24
CA GLY A 307 -26.09 -1.82 -7.26
C GLY A 307 -25.42 -2.36 -5.99
N VAL A 308 -24.14 -2.06 -5.77
CA VAL A 308 -23.53 -2.39 -4.49
C VAL A 308 -24.08 -1.48 -3.38
N PRO A 309 -24.61 -2.08 -2.29
CA PRO A 309 -25.26 -1.24 -1.28
C PRO A 309 -24.26 -0.44 -0.44
N PRO A 310 -24.72 0.70 0.10
CA PRO A 310 -23.80 1.60 0.79
C PRO A 310 -23.17 0.98 2.04
N GLU A 311 -23.94 0.21 2.81
CA GLU A 311 -23.38 -0.40 4.01
C GLU A 311 -22.20 -1.29 3.64
N THR A 312 -22.35 -2.01 2.52
CA THR A 312 -21.31 -2.88 2.00
C THR A 312 -20.05 -2.10 1.69
N LEU A 313 -20.21 -0.90 1.10
CA LEU A 313 -19.05 -0.10 0.65
C LEU A 313 -18.36 0.58 1.84
N ALA A 314 -19.16 0.93 2.82
CA ALA A 314 -18.65 1.28 4.12
C ALA A 314 -17.82 0.19 4.73
N GLY A 315 -18.28 -1.06 4.66
CA GLY A 315 -17.54 -2.12 5.29
C GLY A 315 -16.18 -2.27 4.61
N VAL A 316 -16.15 -2.01 3.31
CA VAL A 316 -14.91 -2.15 2.52
C VAL A 316 -13.90 -1.04 2.85
N THR A 317 -14.38 0.19 3.02
CA THR A 317 -13.48 1.32 3.01
C THR A 317 -13.10 1.73 4.41
N VAL A 318 -13.85 1.25 5.38
CA VAL A 318 -13.71 1.68 6.79
C VAL A 318 -13.45 0.45 7.67
N ALA A 319 -14.37 -0.51 7.64
CA ALA A 319 -14.33 -1.63 8.55
C ALA A 319 -13.16 -2.59 8.26
N ASN A 320 -12.93 -2.87 6.98
CA ASN A 320 -11.89 -3.81 6.66
C ASN A 320 -10.51 -3.20 7.00
N PRO A 321 -10.24 -1.94 6.54
CA PRO A 321 -9.03 -1.27 6.97
C PRO A 321 -8.88 -1.25 8.49
N ALA A 322 -9.98 -1.06 9.20
CA ALA A 322 -9.91 -0.98 10.67
C ALA A 322 -9.60 -2.32 11.31
N ARG A 323 -10.24 -3.35 10.81
CA ARG A 323 -9.96 -4.70 11.27
C ARG A 323 -8.52 -5.06 11.00
N PHE A 324 -8.01 -4.65 9.84
CA PHE A 324 -6.68 -5.05 9.36
C PHE A 324 -5.55 -4.36 10.17
N LEU A 325 -5.65 -3.03 10.33
CA LEU A 325 -4.60 -2.26 10.96
C LEU A 325 -4.61 -2.47 12.46
N SER A 326 -5.73 -2.93 12.99
CA SER A 326 -5.80 -3.11 14.45
C SER A 326 -4.87 -4.21 14.93
N PRO A 327 -3.87 -3.84 15.76
CA PRO A 327 -2.82 -4.79 16.16
C PRO A 327 -3.45 -5.97 16.87
N THR A 328 -3.24 -7.17 16.31
CA THR A 328 -3.90 -8.42 16.82
C THR A 328 -2.88 -9.48 17.22
FE FE2 B . 3.14 0.67 -3.90
CO CO C . 4.16 -2.30 -5.36
O4 DPF D . 4.41 0.47 -5.69
P1 DPF D . 5.45 0.27 -6.77
O2 DPF D . 5.86 -1.15 -7.07
O3 DPF D . 5.16 1.04 -8.15
C1 DPF D . 3.81 1.26 -8.55
C4 DPF D . 3.67 2.75 -8.80
O1 DPF D . 6.77 1.10 -6.33
C2 DPF D . 6.71 2.51 -6.21
C3 DPF D . 7.10 2.75 -4.77
C1 EDO E . 10.32 -0.03 -10.76
O1 EDO E . 10.73 -0.68 -12.00
C2 EDO E . 8.98 0.68 -10.83
O2 EDO E . 7.88 -0.11 -10.34
#